data_7OYP
#
_entry.id   7OYP
#
_cell.length_a   42.325
_cell.length_b   41.347
_cell.length_c   72.403
_cell.angle_alpha   90.000
_cell.angle_beta   104.570
_cell.angle_gamma   90.000
#
_symmetry.space_group_name_H-M   'P 1 21 1'
#
loop_
_entity.id
_entity.type
_entity.pdbx_description
1 polymer 'Carbonic anhydrase 2'
2 non-polymer 'ZINC ION'
3 non-polymer (2S)-3-oxidanyl-2-[2-[(4-sulfamoylphenyl)methoxyamino]ethanoylamino]propanamide
4 non-polymer 4-methylbenzenesulfonamide
5 water water
#
_entity_poly.entity_id   1
_entity_poly.type   'polypeptide(L)'
_entity_poly.pdbx_seq_one_letter_code
;MSHHWGYGKHNGPEHWHKDFPIAKGERQSPVDIDTHTAKYDPSLKPLSVSYDQATSLRILNNGHAFNVEFDDSQDKAVLK
GGPLDGTYRLIQFHFHWGSLDGQGSEHTVDKKKYAAELHLVHWNTKYGDFGKAVQQPDGLAVLGIFLKVGSAKPGLQKVV
DVLDSIKTKGKSADFTNFDPRGLLPESLDYWTYPGSLTTPPLLECVTWIVLKEPISVSSEQVLKFRKLNFNGEGEPEELM
VDNWRPAQPLKNRQIKASFK
;
_entity_poly.pdbx_strand_id   A
#
loop_
_chem_comp.id
_chem_comp.type
_chem_comp.name
_chem_comp.formula
3I4 non-polymer (2S)-3-oxidanyl-2-[2-[(4-sulfamoylphenyl)methoxyamino]ethanoylamino]propanamide 'C12 H18 N4 O6 S'
4J8 non-polymer 4-methylbenzenesulfonamide 'C7 H9 N O2 S'
ZN non-polymer 'ZINC ION' 'Zn 2'
#
# COMPACT_ATOMS: atom_id res chain seq x y z
N HIS A 3 -5.85 -18.57 -9.19
CA HIS A 3 -5.66 -17.92 -7.85
C HIS A 3 -6.97 -18.04 -7.02
N HIS A 4 -6.92 -18.68 -5.85
CA HIS A 4 -8.03 -18.77 -4.84
C HIS A 4 -7.58 -18.34 -3.45
N TRP A 5 -6.45 -17.68 -3.37
CA TRP A 5 -5.99 -17.09 -2.12
C TRP A 5 -6.93 -15.96 -1.72
N GLY A 6 -6.97 -15.67 -0.43
CA GLY A 6 -7.73 -14.51 0.06
C GLY A 6 -7.35 -14.21 1.49
N TYR A 7 -8.33 -13.79 2.29
CA TYR A 7 -8.12 -13.37 3.70
C TYR A 7 -9.07 -14.12 4.64
N GLY A 8 -9.74 -15.16 4.17
CA GLY A 8 -10.57 -16.01 5.05
C GLY A 8 -9.73 -16.97 5.91
N LYS A 9 -10.36 -17.67 6.85
CA LYS A 9 -9.73 -18.75 7.66
C LYS A 9 -9.21 -19.84 6.72
N HIS A 10 -9.91 -20.06 5.60
CA HIS A 10 -9.56 -21.21 4.77
C HIS A 10 -8.59 -20.82 3.66
N ASN A 11 -8.37 -19.55 3.37
CA ASN A 11 -7.49 -19.19 2.22
C ASN A 11 -6.60 -17.99 2.56
N GLY A 12 -6.47 -17.68 3.84
CA GLY A 12 -5.76 -16.48 4.28
C GLY A 12 -4.25 -16.65 4.31
N PRO A 13 -3.57 -15.63 4.84
CA PRO A 13 -2.11 -15.57 4.85
C PRO A 13 -1.39 -16.83 5.31
N GLU A 14 -1.93 -17.59 6.24
CA GLU A 14 -1.22 -18.80 6.73
C GLU A 14 -1.28 -19.94 5.70
N HIS A 15 -2.12 -19.81 4.67
CA HIS A 15 -2.22 -20.82 3.61
C HIS A 15 -1.40 -20.47 2.37
N TRP A 16 -0.99 -19.21 2.23
CA TRP A 16 -0.46 -18.75 0.93
C TRP A 16 0.79 -19.53 0.52
N HIS A 17 1.61 -19.95 1.48
CA HIS A 17 2.88 -20.62 1.17
C HIS A 17 2.67 -21.89 0.33
N LYS A 18 1.50 -22.52 0.39
CA LYS A 18 1.26 -23.78 -0.32
C LYS A 18 1.24 -23.56 -1.84
N ASP A 19 0.82 -22.39 -2.30
CA ASP A 19 0.85 -22.07 -3.74
C ASP A 19 1.93 -21.05 -4.06
N PHE A 20 2.46 -20.34 -3.08
CA PHE A 20 3.47 -19.29 -3.28
C PHE A 20 4.58 -19.49 -2.26
N PRO A 21 5.47 -20.49 -2.45
CA PRO A 21 6.42 -20.85 -1.42
C PRO A 21 7.37 -19.73 -0.97
N ILE A 22 7.53 -18.69 -1.79
N ILE A 22 7.51 -18.69 -1.80
CA ILE A 22 8.32 -17.50 -1.41
CA ILE A 22 8.29 -17.46 -1.49
C ILE A 22 7.70 -16.81 -0.20
C ILE A 22 7.65 -16.73 -0.29
N ALA A 23 6.46 -17.16 0.17
CA ALA A 23 5.83 -16.64 1.40
C ALA A 23 6.75 -16.81 2.61
N LYS A 24 7.59 -17.85 2.60
CA LYS A 24 8.53 -18.13 3.70
C LYS A 24 9.95 -17.65 3.37
N GLY A 25 10.08 -16.69 2.46
CA GLY A 25 11.38 -16.23 1.95
C GLY A 25 12.12 -15.32 2.90
N GLU A 26 13.22 -14.79 2.40
CA GLU A 26 14.18 -14.03 3.21
C GLU A 26 13.87 -12.54 3.22
N ARG A 27 12.97 -12.06 2.38
CA ARG A 27 12.70 -10.60 2.35
C ARG A 27 11.20 -10.36 2.14
N GLN A 28 10.42 -10.95 3.03
CA GLN A 28 8.95 -10.81 2.98
C GLN A 28 8.46 -9.56 3.72
N SER A 29 7.33 -9.07 3.24
CA SER A 29 6.66 -7.89 3.80
C SER A 29 5.24 -8.27 4.15
N PRO A 30 4.59 -7.52 5.07
CA PRO A 30 5.16 -6.40 5.82
C PRO A 30 6.02 -6.89 6.99
N VAL A 31 6.52 -5.93 7.75
CA VAL A 31 7.33 -6.17 8.95
C VAL A 31 6.88 -5.19 10.03
N ASP A 32 7.22 -5.54 11.26
CA ASP A 32 7.16 -4.57 12.37
C ASP A 32 8.38 -3.68 12.30
N ILE A 33 8.12 -2.38 12.41
CA ILE A 33 9.17 -1.35 12.45
C ILE A 33 9.45 -1.07 13.92
N ASP A 34 10.60 -1.51 14.39
N ASP A 34 10.57 -1.58 14.41
CA ASP A 34 11.01 -1.26 15.77
CA ASP A 34 11.10 -1.28 15.75
C ASP A 34 11.76 0.06 15.74
C ASP A 34 11.76 0.09 15.67
N THR A 35 11.12 1.11 16.21
CA THR A 35 11.60 2.50 16.04
C THR A 35 12.92 2.73 16.73
N HIS A 36 13.19 2.00 17.80
CA HIS A 36 14.46 2.22 18.53
CA HIS A 36 14.44 2.14 18.57
C HIS A 36 15.62 1.51 17.81
N THR A 37 15.37 0.45 17.04
CA THR A 37 16.41 -0.35 16.32
C THR A 37 16.68 0.24 14.92
N ALA A 38 15.71 0.92 14.32
CA ALA A 38 15.90 1.51 12.99
C ALA A 38 17.02 2.53 13.10
N LYS A 39 17.94 2.50 12.16
CA LYS A 39 19.09 3.41 12.24
C LYS A 39 18.86 4.62 11.36
N TYR A 40 19.07 5.78 11.94
CA TYR A 40 19.14 7.02 11.16
C TYR A 40 20.29 6.88 10.18
N ASP A 41 20.01 7.14 8.91
CA ASP A 41 21.01 7.04 7.84
C ASP A 41 21.14 8.42 7.21
N PRO A 42 22.19 9.18 7.58
CA PRO A 42 22.32 10.56 7.05
C PRO A 42 22.57 10.56 5.53
N SER A 43 22.92 9.42 4.94
CA SER A 43 23.14 9.27 3.48
C SER A 43 21.80 9.21 2.72
N LEU A 44 20.68 8.95 3.40
CA LEU A 44 19.36 8.89 2.72
C LEU A 44 18.93 10.29 2.30
N LYS A 45 18.42 10.41 1.10
CA LYS A 45 17.97 11.69 0.53
C LYS A 45 16.50 11.91 0.87
N PRO A 46 16.07 13.20 0.80
CA PRO A 46 14.65 13.47 0.83
C PRO A 46 13.95 12.72 -0.30
N LEU A 47 12.74 12.27 -0.01
CA LEU A 47 11.89 11.67 -1.04
C LEU A 47 11.55 12.77 -2.05
N SER A 48 11.48 12.46 -3.33
CA SER A 48 10.92 13.33 -4.38
C SER A 48 9.64 12.68 -4.87
N VAL A 49 8.51 13.22 -4.47
CA VAL A 49 7.18 12.78 -4.93
C VAL A 49 6.71 13.79 -5.96
N SER A 50 6.61 13.42 -7.23
CA SER A 50 6.23 14.35 -8.31
CA SER A 50 6.25 14.34 -8.33
C SER A 50 4.94 13.88 -8.95
N TYR A 51 3.81 14.29 -8.37
CA TYR A 51 2.48 13.83 -8.79
C TYR A 51 1.69 14.96 -9.47
N ASP A 52 2.30 16.11 -9.76
CA ASP A 52 1.56 17.24 -10.39
C ASP A 52 0.86 16.83 -11.69
N GLN A 53 1.45 15.95 -12.50
CA GLN A 53 0.85 15.56 -13.81
C GLN A 53 0.18 14.19 -13.75
N ALA A 54 -0.10 13.69 -12.57
CA ALA A 54 -0.74 12.35 -12.44
C ALA A 54 -2.06 12.33 -13.23
N THR A 55 -2.30 11.22 -13.88
CA THR A 55 -3.54 10.94 -14.64
C THR A 55 -4.20 9.68 -14.10
N SER A 56 -5.15 9.83 -13.21
CA SER A 56 -5.94 8.66 -12.76
C SER A 56 -6.89 8.29 -13.88
N LEU A 57 -7.20 7.01 -13.99
CA LEU A 57 -8.10 6.55 -15.05
C LEU A 57 -9.34 5.86 -14.52
N ARG A 58 -9.18 4.97 -13.54
CA ARG A 58 -10.23 3.97 -13.25
C ARG A 58 -10.05 3.46 -11.83
N ILE A 59 -11.14 3.00 -11.24
CA ILE A 59 -11.09 2.34 -9.93
C ILE A 59 -11.70 0.95 -10.11
N LEU A 60 -11.03 -0.07 -9.56
CA LEU A 60 -11.38 -1.48 -9.75
C LEU A 60 -11.49 -2.18 -8.39
N ASN A 61 -12.59 -2.89 -8.16
CA ASN A 61 -12.66 -3.87 -7.05
C ASN A 61 -12.11 -5.19 -7.60
N ASN A 62 -10.94 -5.60 -7.14
CA ASN A 62 -10.30 -6.83 -7.68
C ASN A 62 -10.58 -8.05 -6.79
N GLY A 63 -11.49 -7.94 -5.84
CA GLY A 63 -11.82 -9.06 -4.94
C GLY A 63 -10.96 -9.13 -3.70
N HIS A 64 -9.90 -8.32 -3.62
CA HIS A 64 -9.00 -8.24 -2.44
C HIS A 64 -8.94 -6.85 -1.86
N ALA A 65 -9.01 -5.83 -2.70
CA ALA A 65 -9.02 -4.42 -2.33
C ALA A 65 -9.63 -3.68 -3.51
N PHE A 66 -9.55 -2.36 -3.49
CA PHE A 66 -9.82 -1.57 -4.69
C PHE A 66 -8.55 -0.85 -5.10
N ASN A 67 -8.31 -0.84 -6.41
CA ASN A 67 -7.13 -0.16 -6.98
C ASN A 67 -7.60 1.08 -7.76
N VAL A 68 -6.99 2.20 -7.43
CA VAL A 68 -7.08 3.42 -8.26
C VAL A 68 -5.91 3.36 -9.23
N GLU A 69 -6.23 3.26 -10.51
CA GLU A 69 -5.24 3.01 -11.58
C GLU A 69 -4.89 4.31 -12.26
N PHE A 70 -3.62 4.42 -12.65
CA PHE A 70 -3.09 5.60 -13.33
C PHE A 70 -2.60 5.25 -14.73
N ASP A 71 -2.53 6.26 -15.57
CA ASP A 71 -1.82 6.15 -16.85
C ASP A 71 -0.33 6.14 -16.57
N ASP A 72 0.30 4.98 -16.75
CA ASP A 72 1.76 4.84 -16.54
C ASP A 72 2.46 4.66 -17.88
N SER A 73 1.91 5.19 -18.97
CA SER A 73 2.54 5.08 -20.32
C SER A 73 3.56 6.20 -20.55
N GLN A 74 3.68 7.15 -19.64
CA GLN A 74 4.74 8.21 -19.63
C GLN A 74 5.14 8.53 -18.20
N ASP A 75 6.27 9.22 -18.00
CA ASP A 75 6.70 9.74 -16.67
C ASP A 75 5.82 10.95 -16.35
N LYS A 76 4.66 10.70 -15.77
CA LYS A 76 3.63 11.69 -15.37
C LYS A 76 3.51 11.85 -13.85
N ALA A 77 3.66 10.76 -13.14
CA ALA A 77 3.59 10.71 -11.67
C ALA A 77 4.73 9.80 -11.22
N VAL A 78 5.80 10.36 -10.69
CA VAL A 78 7.00 9.54 -10.41
C VAL A 78 7.51 9.80 -9.00
N LEU A 79 8.15 8.77 -8.49
CA LEU A 79 8.84 8.76 -7.21
C LEU A 79 10.32 8.59 -7.52
N LYS A 80 11.15 9.39 -6.87
N LYS A 80 11.13 9.46 -6.92
CA LYS A 80 12.61 9.26 -6.97
CA LYS A 80 12.60 9.53 -7.10
C LYS A 80 13.23 9.77 -5.68
C LYS A 80 13.23 9.80 -5.73
N GLY A 81 14.56 9.70 -5.62
CA GLY A 81 15.27 10.12 -4.42
C GLY A 81 15.00 9.18 -3.29
N GLY A 82 15.12 9.69 -2.08
CA GLY A 82 15.05 8.81 -0.90
C GLY A 82 16.13 7.74 -1.02
N PRO A 83 15.78 6.43 -0.86
CA PRO A 83 16.74 5.36 -1.01
C PRO A 83 16.92 4.91 -2.47
N LEU A 84 16.16 5.49 -3.39
CA LEU A 84 16.02 4.94 -4.76
C LEU A 84 17.12 5.45 -5.69
N ASP A 85 17.49 4.61 -6.63
CA ASP A 85 18.32 4.95 -7.81
C ASP A 85 17.34 4.99 -8.99
N GLY A 86 17.31 6.08 -9.75
CA GLY A 86 16.46 6.18 -10.93
C GLY A 86 15.02 6.53 -10.60
N THR A 87 14.13 6.21 -11.52
CA THR A 87 12.80 6.83 -11.64
C THR A 87 11.76 5.74 -11.57
N TYR A 88 10.77 5.90 -10.71
CA TYR A 88 9.69 4.92 -10.54
C TYR A 88 8.35 5.56 -10.84
N ARG A 89 7.59 4.93 -11.71
CA ARG A 89 6.31 5.46 -12.23
C ARG A 89 5.15 4.92 -11.41
N LEU A 90 4.24 5.79 -11.01
CA LEU A 90 3.02 5.38 -10.29
C LEU A 90 2.11 4.60 -11.22
N ILE A 91 1.72 3.41 -10.81
CA ILE A 91 0.78 2.56 -11.57
C ILE A 91 -0.58 2.52 -10.88
N GLN A 92 -0.63 2.40 -9.55
CA GLN A 92 -1.93 2.27 -8.84
C GLN A 92 -1.69 2.56 -7.37
N PHE A 93 -2.75 2.93 -6.68
CA PHE A 93 -2.76 2.86 -5.22
C PHE A 93 -3.96 2.04 -4.77
N HIS A 94 -3.82 1.53 -3.55
CA HIS A 94 -4.88 0.78 -2.87
C HIS A 94 -4.64 0.87 -1.37
N PHE A 95 -5.56 0.32 -0.61
CA PHE A 95 -5.49 0.29 0.86
C PHE A 95 -5.65 -1.14 1.35
N HIS A 96 -5.24 -1.32 2.61
CA HIS A 96 -5.54 -2.49 3.44
C HIS A 96 -6.19 -1.95 4.70
N TRP A 97 -7.23 -2.61 5.20
CA TRP A 97 -7.95 -2.09 6.38
C TRP A 97 -8.59 -3.22 7.16
N GLY A 98 -9.09 -2.85 8.33
CA GLY A 98 -9.59 -3.80 9.31
C GLY A 98 -11.09 -3.84 9.41
N SER A 99 -11.58 -4.78 10.20
CA SER A 99 -13.00 -4.85 10.60
C SER A 99 -13.32 -3.84 11.71
N LEU A 100 -12.32 -3.38 12.44
CA LEU A 100 -12.43 -2.37 13.52
C LEU A 100 -11.20 -1.51 13.49
N ASP A 101 -11.23 -0.39 14.16
CA ASP A 101 -10.16 0.62 14.00
C ASP A 101 -8.82 0.13 14.57
N GLY A 102 -8.86 -0.85 15.48
CA GLY A 102 -7.62 -1.34 16.11
C GLY A 102 -6.78 -2.29 15.28
N GLN A 103 -7.16 -2.55 14.04
CA GLN A 103 -6.31 -3.35 13.16
C GLN A 103 -6.59 -2.90 11.73
N GLY A 104 -5.72 -3.32 10.81
CA GLY A 104 -5.91 -3.00 9.40
C GLY A 104 -4.61 -2.73 8.69
N SER A 105 -3.63 -2.12 9.36
CA SER A 105 -2.34 -1.87 8.70
C SER A 105 -1.60 -3.18 8.53
N GLU A 106 -0.68 -3.16 7.58
CA GLU A 106 0.22 -4.31 7.29
C GLU A 106 1.52 -4.10 8.06
N HIS A 107 2.22 -3.01 7.80
CA HIS A 107 3.32 -2.62 8.68
C HIS A 107 2.73 -2.25 10.04
N THR A 108 3.55 -2.46 11.06
CA THR A 108 3.26 -2.01 12.43
C THR A 108 4.46 -1.19 12.91
N VAL A 109 4.21 -0.38 13.93
CA VAL A 109 5.24 0.52 14.47
C VAL A 109 5.33 0.21 15.95
N ASP A 110 6.43 -0.41 16.38
CA ASP A 110 6.54 -0.86 17.78
C ASP A 110 5.30 -1.69 18.16
N LYS A 111 4.87 -2.53 17.23
CA LYS A 111 3.72 -3.46 17.35
C LYS A 111 2.38 -2.74 17.30
N LYS A 112 2.34 -1.43 17.14
CA LYS A 112 1.07 -0.69 16.95
C LYS A 112 0.52 -0.99 15.56
N LYS A 113 -0.75 -1.36 15.50
CA LYS A 113 -1.52 -1.50 14.27
C LYS A 113 -2.34 -0.25 14.07
N TYR A 114 -2.27 0.31 12.88
CA TYR A 114 -3.14 1.41 12.46
C TYR A 114 -4.43 0.86 11.86
N ALA A 115 -5.43 1.73 11.70
CA ALA A 115 -6.73 1.33 11.16
C ALA A 115 -6.61 0.90 9.69
N ALA A 116 -5.66 1.45 8.96
CA ALA A 116 -5.53 1.11 7.53
C ALA A 116 -4.15 1.54 7.09
N GLU A 117 -3.81 1.13 5.87
CA GLU A 117 -2.53 1.49 5.25
C GLU A 117 -2.73 1.67 3.76
N LEU A 118 -2.28 2.81 3.25
CA LEU A 118 -2.31 3.17 1.82
C LEU A 118 -0.98 2.76 1.21
N HIS A 119 -1.05 2.12 0.05
CA HIS A 119 0.11 1.72 -0.76
C HIS A 119 0.06 2.39 -2.12
N LEU A 120 1.00 3.28 -2.39
CA LEU A 120 1.18 3.89 -3.71
C LEU A 120 2.28 3.08 -4.40
N VAL A 121 1.92 2.40 -5.48
CA VAL A 121 2.81 1.39 -6.11
C VAL A 121 3.46 1.99 -7.35
N HIS A 122 4.78 1.90 -7.42
CA HIS A 122 5.56 2.48 -8.53
C HIS A 122 6.53 1.44 -9.08
N TRP A 123 6.77 1.48 -10.38
CA TRP A 123 7.73 0.54 -11.01
C TRP A 123 8.89 1.27 -11.65
N ASN A 124 10.04 0.62 -11.61
CA ASN A 124 11.32 1.19 -12.07
C ASN A 124 11.33 1.25 -13.59
N THR A 125 11.45 2.45 -14.14
CA THR A 125 11.32 2.63 -15.59
C THR A 125 12.44 1.93 -16.34
N LYS A 126 13.55 1.59 -15.68
CA LYS A 126 14.65 0.92 -16.37
C LYS A 126 14.24 -0.48 -16.81
N TYR A 127 13.13 -1.03 -16.32
CA TYR A 127 12.66 -2.38 -16.76
C TYR A 127 11.49 -2.29 -17.74
N GLY A 128 11.07 -1.08 -18.10
CA GLY A 128 10.16 -0.94 -19.25
C GLY A 128 8.68 -1.16 -18.99
N ASP A 129 8.30 -2.27 -18.32
N ASP A 129 8.31 -1.99 -18.05
CA ASP A 129 6.88 -2.58 -17.94
CA ASP A 129 6.90 -1.98 -17.63
C ASP A 129 6.80 -3.21 -16.53
C ASP A 129 6.85 -2.76 -16.34
N PHE A 130 5.64 -3.03 -15.88
CA PHE A 130 5.42 -3.53 -14.52
C PHE A 130 5.72 -5.03 -14.46
N GLY A 131 5.26 -5.82 -15.43
CA GLY A 131 5.49 -7.28 -15.38
C GLY A 131 6.96 -7.64 -15.38
N LYS A 132 7.77 -6.89 -16.10
CA LYS A 132 9.23 -7.11 -16.04
C LYS A 132 9.80 -6.61 -14.72
N ALA A 133 9.31 -5.49 -14.21
CA ALA A 133 9.87 -4.91 -12.98
C ALA A 133 9.68 -5.86 -11.79
N VAL A 134 8.55 -6.56 -11.72
CA VAL A 134 8.31 -7.42 -10.52
C VAL A 134 9.26 -8.62 -10.50
N GLN A 135 9.99 -8.86 -11.58
CA GLN A 135 10.99 -9.96 -11.63
C GLN A 135 12.36 -9.49 -11.15
N GLN A 136 12.49 -8.27 -10.66
CA GLN A 136 13.78 -7.69 -10.31
C GLN A 136 13.80 -7.25 -8.86
N PRO A 137 14.95 -7.34 -8.18
CA PRO A 137 14.99 -7.00 -6.76
C PRO A 137 14.78 -5.52 -6.47
N ASP A 138 15.04 -4.67 -7.46
CA ASP A 138 14.82 -3.23 -7.36
C ASP A 138 13.74 -2.80 -8.36
N GLY A 139 12.75 -3.65 -8.60
CA GLY A 139 11.72 -3.38 -9.61
C GLY A 139 10.67 -2.39 -9.18
N LEU A 140 10.26 -2.44 -7.91
CA LEU A 140 9.15 -1.61 -7.41
C LEU A 140 9.59 -0.76 -6.24
N ALA A 141 8.90 0.35 -6.08
CA ALA A 141 8.97 1.18 -4.85
C ALA A 141 7.54 1.40 -4.42
N VAL A 142 7.23 0.98 -3.20
CA VAL A 142 5.88 1.17 -2.64
C VAL A 142 6.01 2.15 -1.49
N LEU A 143 5.25 3.22 -1.61
CA LEU A 143 5.13 4.26 -0.59
C LEU A 143 3.93 3.91 0.29
N GLY A 144 4.23 3.61 1.55
CA GLY A 144 3.19 3.21 2.51
C GLY A 144 2.88 4.33 3.49
N ILE A 145 1.59 4.52 3.71
CA ILE A 145 1.11 5.64 4.56
C ILE A 145 0.08 5.06 5.50
N PHE A 146 0.25 5.27 6.77
CA PHE A 146 -0.70 4.78 7.79
C PHE A 146 -1.91 5.70 7.86
N LEU A 147 -3.06 5.11 8.15
CA LEU A 147 -4.32 5.84 8.42
C LEU A 147 -4.73 5.58 9.86
N LYS A 148 -5.00 6.67 10.58
CA LYS A 148 -5.65 6.65 11.89
C LYS A 148 -7.03 7.28 11.76
N VAL A 149 -7.91 6.94 12.67
CA VAL A 149 -9.29 7.47 12.66
C VAL A 149 -9.37 8.70 13.56
N GLY A 150 -9.79 9.79 12.97
CA GLY A 150 -10.01 11.05 13.70
C GLY A 150 -10.75 12.00 12.80
N SER A 151 -10.12 13.10 12.44
N SER A 151 -10.12 13.10 12.41
CA SER A 151 -10.69 14.05 11.45
CA SER A 151 -10.69 14.08 11.47
C SER A 151 -10.75 13.39 10.07
C SER A 151 -10.68 13.53 10.04
N ALA A 152 -11.71 13.83 9.26
CA ALA A 152 -11.82 13.40 7.87
C ALA A 152 -10.60 13.87 7.06
N LYS A 153 -10.27 13.08 6.05
CA LYS A 153 -9.26 13.46 5.04
C LYS A 153 -10.00 13.98 3.82
N PRO A 154 -10.04 15.30 3.58
CA PRO A 154 -10.90 15.80 2.51
C PRO A 154 -10.58 15.18 1.15
N GLY A 155 -9.30 14.96 0.89
CA GLY A 155 -8.83 14.44 -0.40
C GLY A 155 -9.17 12.98 -0.62
N LEU A 156 -9.60 12.27 0.40
CA LEU A 156 -10.06 10.87 0.29
C LEU A 156 -11.54 10.78 -0.14
N GLN A 157 -12.32 11.85 0.05
CA GLN A 157 -13.79 11.67 -0.03
C GLN A 157 -14.22 11.24 -1.44
N LYS A 158 -13.56 11.73 -2.48
CA LYS A 158 -13.95 11.34 -3.85
C LYS A 158 -13.80 9.81 -4.03
N VAL A 159 -12.77 9.24 -3.42
CA VAL A 159 -12.60 7.77 -3.45
C VAL A 159 -13.77 7.11 -2.71
N VAL A 160 -14.04 7.56 -1.50
CA VAL A 160 -15.12 7.00 -0.65
C VAL A 160 -16.44 6.99 -1.42
N ASP A 161 -16.73 8.10 -2.08
CA ASP A 161 -18.08 8.23 -2.68
C ASP A 161 -18.27 7.36 -3.92
N VAL A 162 -17.22 6.87 -4.58
CA VAL A 162 -17.38 6.01 -5.78
C VAL A 162 -17.49 4.54 -5.35
N LEU A 163 -17.23 4.21 -4.09
CA LEU A 163 -17.16 2.79 -3.68
C LEU A 163 -18.51 2.09 -3.85
N ASP A 164 -19.61 2.80 -3.66
CA ASP A 164 -20.95 2.19 -3.87
C ASP A 164 -21.09 1.64 -5.29
N SER A 165 -20.35 2.18 -6.26
CA SER A 165 -20.46 1.77 -7.68
C SER A 165 -19.55 0.58 -8.00
N ILE A 166 -18.66 0.19 -7.09
CA ILE A 166 -17.74 -0.97 -7.31
C ILE A 166 -17.84 -1.92 -6.12
N LYS A 167 -19.07 -2.21 -5.69
CA LYS A 167 -19.24 -2.94 -4.40
C LYS A 167 -18.60 -4.32 -4.46
N THR A 168 -18.70 -4.98 -5.62
CA THR A 168 -18.35 -6.41 -5.74
C THR A 168 -17.17 -6.62 -6.71
N LYS A 169 -16.55 -7.78 -6.54
CA LYS A 169 -15.37 -8.22 -7.29
C LYS A 169 -15.63 -8.11 -8.78
N GLY A 170 -14.72 -7.47 -9.48
CA GLY A 170 -14.76 -7.37 -10.94
C GLY A 170 -15.43 -6.09 -11.41
N LYS A 171 -16.05 -5.31 -10.55
CA LYS A 171 -16.67 -4.03 -10.94
CA LYS A 171 -16.67 -4.03 -10.97
C LYS A 171 -15.60 -2.94 -11.01
N SER A 172 -15.70 -2.10 -12.03
CA SER A 172 -14.82 -0.93 -12.19
C SER A 172 -15.67 0.30 -12.50
N ALA A 173 -15.09 1.47 -12.31
CA ALA A 173 -15.76 2.73 -12.66
C ALA A 173 -14.71 3.70 -13.17
N ASP A 174 -15.10 4.57 -14.07
CA ASP A 174 -14.22 5.67 -14.49
C ASP A 174 -13.82 6.45 -13.24
N PHE A 175 -12.55 6.88 -13.18
CA PHE A 175 -12.07 7.62 -12.01
C PHE A 175 -10.95 8.54 -12.48
N THR A 176 -11.32 9.52 -13.25
CA THR A 176 -10.38 10.50 -13.82
C THR A 176 -10.23 11.71 -12.93
N ASN A 177 -9.10 12.41 -13.12
CA ASN A 177 -8.80 13.71 -12.49
C ASN A 177 -8.69 13.62 -10.96
N PHE A 178 -8.35 12.47 -10.42
CA PHE A 178 -8.12 12.37 -8.96
C PHE A 178 -6.66 12.70 -8.66
N ASP A 179 -6.45 13.56 -7.68
CA ASP A 179 -5.10 14.05 -7.33
C ASP A 179 -4.60 13.29 -6.10
N PRO A 180 -3.67 12.33 -6.25
CA PRO A 180 -3.24 11.56 -5.09
C PRO A 180 -2.41 12.37 -4.09
N ARG A 181 -2.03 13.60 -4.42
CA ARG A 181 -1.33 14.47 -3.44
C ARG A 181 -2.24 14.73 -2.24
N GLY A 182 -3.56 14.66 -2.43
CA GLY A 182 -4.51 14.85 -1.33
C GLY A 182 -4.53 13.74 -0.30
N LEU A 183 -3.73 12.67 -0.49
CA LEU A 183 -3.66 11.54 0.44
C LEU A 183 -2.37 11.54 1.25
N LEU A 184 -1.50 12.52 1.06
CA LEU A 184 -0.19 12.53 1.72
C LEU A 184 -0.33 13.26 3.06
N PRO A 185 0.54 12.93 4.03
CA PRO A 185 0.69 13.72 5.25
C PRO A 185 1.58 14.92 4.95
N GLU A 186 1.80 15.76 5.94
CA GLU A 186 2.63 16.97 5.82
CA GLU A 186 2.65 16.97 5.79
C GLU A 186 4.11 16.57 5.63
N SER A 187 4.61 15.68 6.50
CA SER A 187 6.02 15.29 6.51
C SER A 187 6.28 14.11 5.59
N LEU A 188 7.41 14.14 4.89
CA LEU A 188 7.89 12.96 4.12
C LEU A 188 9.01 12.22 4.84
N ASP A 189 9.14 12.37 6.16
CA ASP A 189 10.07 11.51 6.92
C ASP A 189 9.66 10.03 6.77
N TYR A 190 10.63 9.14 6.63
CA TYR A 190 10.28 7.75 6.30
C TYR A 190 11.27 6.76 6.89
N TRP A 191 10.79 5.52 6.95
CA TRP A 191 11.62 4.32 7.12
C TRP A 191 11.71 3.60 5.78
N THR A 192 12.79 2.86 5.58
CA THR A 192 12.94 2.07 4.33
C THR A 192 13.63 0.74 4.61
N TYR A 193 13.24 -0.26 3.85
CA TYR A 193 13.85 -1.59 3.92
C TYR A 193 13.50 -2.32 2.64
N PRO A 194 14.28 -3.39 2.31
CA PRO A 194 13.98 -4.21 1.15
C PRO A 194 12.96 -5.30 1.49
N GLY A 195 11.91 -5.43 0.69
CA GLY A 195 10.88 -6.43 0.96
C GLY A 195 10.19 -6.92 -0.27
N SER A 196 8.92 -7.20 -0.13
CA SER A 196 8.14 -7.97 -1.09
C SER A 196 6.77 -7.34 -1.32
N LEU A 197 6.07 -7.84 -2.32
CA LEU A 197 4.62 -7.67 -2.42
C LEU A 197 4.01 -8.30 -1.18
N THR A 198 2.92 -7.73 -0.67
CA THR A 198 2.25 -8.28 0.53
C THR A 198 1.07 -9.14 0.16
N THR A 199 0.80 -9.35 -1.13
CA THR A 199 -0.20 -10.31 -1.60
C THR A 199 0.51 -11.24 -2.57
N PRO A 200 -0.03 -12.46 -2.78
CA PRO A 200 0.46 -13.31 -3.86
C PRO A 200 0.53 -12.50 -5.13
N PRO A 201 1.59 -12.61 -5.94
CA PRO A 201 2.63 -13.66 -5.82
C PRO A 201 3.79 -13.41 -4.84
N LEU A 202 3.71 -12.37 -4.01
CA LEU A 202 4.67 -12.22 -2.86
C LEU A 202 6.12 -12.03 -3.34
N LEU A 203 6.29 -11.49 -4.54
CA LEU A 203 7.61 -11.38 -5.18
C LEU A 203 8.47 -10.41 -4.40
N GLU A 204 9.75 -10.74 -4.29
CA GLU A 204 10.72 -9.99 -3.48
C GLU A 204 11.38 -8.91 -4.35
N CYS A 205 10.58 -7.92 -4.71
CA CYS A 205 10.93 -6.92 -5.75
C CYS A 205 10.72 -5.50 -5.26
N VAL A 206 10.47 -5.29 -3.96
CA VAL A 206 10.01 -3.96 -3.48
C VAL A 206 11.06 -3.30 -2.61
N THR A 207 11.33 -2.03 -2.88
CA THR A 207 11.92 -1.12 -1.90
C THR A 207 10.76 -0.44 -1.18
N TRP A 208 10.58 -0.75 0.08
CA TRP A 208 9.50 -0.16 0.90
C TRP A 208 9.96 1.18 1.43
N ILE A 209 9.06 2.15 1.36
CA ILE A 209 9.26 3.49 1.91
C ILE A 209 7.99 3.77 2.71
N VAL A 210 8.09 3.73 4.04
CA VAL A 210 6.93 3.84 4.94
C VAL A 210 7.02 5.18 5.65
N LEU A 211 6.04 6.05 5.43
CA LEU A 211 6.07 7.39 6.05
C LEU A 211 5.80 7.29 7.56
N LYS A 212 6.54 8.06 8.32
CA LYS A 212 6.34 8.10 9.79
C LYS A 212 5.01 8.74 10.19
N GLU A 213 4.64 9.82 9.51
N GLU A 213 4.55 9.76 9.47
CA GLU A 213 3.43 10.61 9.87
CA GLU A 213 3.34 10.50 9.90
C GLU A 213 2.21 9.94 9.26
C GLU A 213 2.09 9.88 9.28
N PRO A 214 1.21 9.53 10.07
N PRO A 214 1.17 9.35 10.11
CA PRO A 214 -0.01 8.99 9.50
CA PRO A 214 -0.11 8.87 9.59
C PRO A 214 -0.85 10.13 8.92
C PRO A 214 -0.98 10.03 9.10
N ILE A 215 -1.85 9.74 8.13
CA ILE A 215 -2.96 10.64 7.80
C ILE A 215 -4.13 10.27 8.69
N SER A 216 -4.97 11.26 8.94
N SER A 216 -4.99 11.26 8.95
CA SER A 216 -6.25 11.07 9.65
CA SER A 216 -6.24 11.07 9.73
C SER A 216 -7.37 10.95 8.65
C SER A 216 -7.43 11.03 8.77
N VAL A 217 -8.23 9.95 8.86
CA VAL A 217 -9.48 9.78 8.11
C VAL A 217 -10.61 9.71 9.13
N SER A 218 -11.83 9.97 8.71
CA SER A 218 -12.93 9.89 9.68
C SER A 218 -13.43 8.46 9.83
N SER A 219 -14.12 8.21 10.92
CA SER A 219 -14.81 6.92 11.13
CA SER A 219 -14.78 6.90 11.11
C SER A 219 -15.74 6.64 9.95
N GLU A 220 -16.45 7.67 9.49
CA GLU A 220 -17.42 7.48 8.40
C GLU A 220 -16.70 7.06 7.12
N GLN A 221 -15.52 7.62 6.86
CA GLN A 221 -14.77 7.25 5.64
C GLN A 221 -14.37 5.77 5.71
N VAL A 222 -13.78 5.34 6.81
CA VAL A 222 -13.33 3.92 6.87
C VAL A 222 -14.54 2.99 6.91
N LEU A 223 -15.64 3.40 7.54
CA LEU A 223 -16.86 2.56 7.54
C LEU A 223 -17.29 2.27 6.11
N LYS A 224 -17.12 3.20 5.19
CA LYS A 224 -17.50 2.98 3.80
C LYS A 224 -16.54 1.99 3.11
N PHE A 225 -15.26 2.00 3.47
CA PHE A 225 -14.36 0.94 2.98
C PHE A 225 -14.92 -0.44 3.35
N ARG A 226 -15.46 -0.55 4.56
CA ARG A 226 -15.88 -1.84 5.15
C ARG A 226 -17.23 -2.30 4.59
N LYS A 227 -17.89 -1.52 3.75
CA LYS A 227 -19.13 -1.91 3.07
C LYS A 227 -18.84 -2.60 1.73
N LEU A 228 -17.61 -2.53 1.24
CA LEU A 228 -17.23 -3.25 0.03
C LEU A 228 -17.37 -4.76 0.27
N ASN A 229 -17.38 -5.51 -0.81
CA ASN A 229 -17.50 -6.98 -0.79
C ASN A 229 -16.29 -7.65 -1.45
N PHE A 230 -15.83 -8.74 -0.85
CA PHE A 230 -14.85 -9.62 -1.51
C PHE A 230 -15.49 -10.40 -2.66
N ASN A 231 -16.75 -10.77 -2.50
CA ASN A 231 -17.51 -11.60 -3.45
C ASN A 231 -17.89 -10.82 -4.68
N GLY A 232 -18.21 -11.59 -5.72
CA GLY A 232 -18.84 -11.08 -6.93
C GLY A 232 -20.33 -10.80 -6.75
N GLU A 233 -20.89 -10.07 -7.69
CA GLU A 233 -22.33 -9.71 -7.72
C GLU A 233 -23.19 -10.96 -7.59
N GLY A 234 -24.20 -10.89 -6.75
CA GLY A 234 -25.19 -11.95 -6.56
C GLY A 234 -24.67 -13.12 -5.74
N GLU A 235 -23.41 -13.10 -5.33
CA GLU A 235 -22.82 -14.19 -4.51
C GLU A 235 -23.08 -13.85 -3.06
N PRO A 236 -22.94 -14.85 -2.14
CA PRO A 236 -23.12 -14.60 -0.72
C PRO A 236 -22.21 -13.44 -0.29
N GLU A 237 -22.79 -12.49 0.44
CA GLU A 237 -22.08 -11.26 0.83
C GLU A 237 -21.00 -11.60 1.86
N GLU A 238 -19.76 -11.21 1.56
CA GLU A 238 -18.59 -11.31 2.44
C GLU A 238 -17.98 -9.92 2.49
N LEU A 239 -18.12 -9.23 3.61
CA LEU A 239 -17.61 -7.86 3.67
C LEU A 239 -16.10 -7.87 3.46
N MET A 240 -15.62 -6.91 2.69
CA MET A 240 -14.20 -6.70 2.45
C MET A 240 -13.63 -5.96 3.66
N VAL A 241 -13.15 -6.75 4.60
CA VAL A 241 -12.51 -6.28 5.85
C VAL A 241 -11.36 -7.22 6.17
N ASP A 242 -10.36 -6.70 6.89
CA ASP A 242 -9.20 -7.50 7.34
C ASP A 242 -8.47 -8.09 6.13
N ASN A 243 -8.25 -7.23 5.15
CA ASN A 243 -7.48 -7.59 3.93
C ASN A 243 -6.01 -7.19 4.09
N TRP A 244 -5.42 -7.52 5.22
CA TRP A 244 -4.04 -7.23 5.58
C TRP A 244 -3.31 -8.54 5.88
N ARG A 245 -2.04 -8.56 5.51
CA ARG A 245 -1.10 -9.64 5.88
C ARG A 245 -0.40 -9.21 7.15
N PRO A 246 -0.26 -10.10 8.16
CA PRO A 246 0.47 -9.69 9.34
CA PRO A 246 0.50 -9.81 9.35
C PRO A 246 1.99 -9.58 9.09
N ALA A 247 2.65 -8.98 10.06
CA ALA A 247 4.10 -8.80 10.04
C ALA A 247 4.81 -10.14 9.90
N GLN A 248 5.83 -10.14 9.05
CA GLN A 248 6.68 -11.29 8.71
C GLN A 248 8.05 -11.14 9.34
N PRO A 249 8.82 -12.25 9.44
CA PRO A 249 10.13 -12.15 10.07
C PRO A 249 11.08 -11.21 9.33
N LEU A 250 11.79 -10.39 10.10
CA LEU A 250 12.72 -9.40 9.51
C LEU A 250 13.96 -10.10 8.93
N LYS A 251 14.38 -11.22 9.50
CA LYS A 251 15.54 -11.98 8.98
C LYS A 251 16.75 -11.06 8.88
N ASN A 252 17.50 -11.14 7.81
CA ASN A 252 18.79 -10.46 7.74
C ASN A 252 18.52 -9.13 7.06
N ARG A 253 17.68 -8.25 7.69
CA ARG A 253 17.42 -6.92 7.14
C ARG A 253 17.56 -5.83 8.16
N GLN A 254 17.94 -4.67 7.65
CA GLN A 254 18.03 -3.42 8.41
C GLN A 254 16.95 -2.46 7.93
N ILE A 255 16.24 -1.89 8.86
CA ILE A 255 15.31 -0.77 8.57
C ILE A 255 16.05 0.53 8.85
N LYS A 256 16.06 1.41 7.86
CA LYS A 256 16.78 2.70 7.97
C LYS A 256 15.76 3.81 8.09
N ALA A 257 16.10 4.83 8.87
CA ALA A 257 15.29 6.03 9.08
C ALA A 257 15.92 7.19 8.33
N SER A 258 15.07 8.02 7.73
CA SER A 258 15.51 9.25 7.03
C SER A 258 15.70 10.40 8.00
N PHE A 259 15.32 10.22 9.25
CA PHE A 259 15.14 11.32 10.24
C PHE A 259 15.74 10.87 11.57
N LYS A 260 16.15 11.86 12.35
CA LYS A 260 16.80 11.63 13.67
C LYS A 260 15.72 11.57 14.75
ZN ZN B . -0.77 -3.21 -0.58
C1 3I4 C . 1.79 -8.92 -14.13
C2 3I4 C . 1.56 -10.00 -13.08
C3 3I4 C . 0.36 -10.86 -13.43
C4 3I4 C . 2.29 -9.70 -10.78
C5 3I4 C . 2.24 -8.93 -9.55
C6 3I4 C . 0.44 -6.62 -7.74
C11 3I4 C . 1.37 -4.17 -4.97
N1 3I4 C . 1.20 -7.75 -13.89
O1 3I4 C . 2.46 -9.14 -15.14
O2 3I4 C . -0.83 -10.11 -13.36
N2 3I4 C . 1.42 -9.44 -11.74
O3 3I4 C . 3.19 -10.51 -10.96
N3 3I4 C . 1.26 -8.20 -9.25
O4 3I4 C . 1.55 -7.46 -8.09
C7 3I4 C . 0.74 -6.03 -6.39
C8 3I4 C . 0.61 -6.82 -5.26
C9 3I4 C . 0.87 -6.30 -4.00
C10 3I4 C . 1.23 -4.98 -3.85
S1 3I4 C . 1.53 -4.31 -2.23
N4 3I4 C . 0.29 -4.69 -1.31
O5 3I4 C . 2.72 -4.98 -1.76
O6 3I4 C . 1.61 -2.89 -2.40
C12 3I4 C . 1.12 -4.71 -6.22
C1 4J8 D . -7.31 -22.93 -1.46
C2 4J8 D . -6.62 -22.69 -2.64
C4 4J8 D . -5.02 -21.34 -1.48
C6 4J8 D . -6.85 -22.33 -0.30
O1 4J8 D . -3.68 -19.43 -0.39
S 4J8 D . -3.56 -20.38 -1.47
O 4J8 D . -3.39 -19.89 -2.80
N 4J8 D . -2.30 -21.31 -1.13
C3 4J8 D . -5.46 -21.92 -2.65
C5 4J8 D . -5.71 -21.55 -0.29
C 4J8 D . -8.57 -23.75 -1.45
#